data_1GYE
#
_entry.id   1GYE
#
_cell.length_a   90.605
_cell.length_b   90.605
_cell.length_c   177.554
_cell.angle_alpha   90.00
_cell.angle_beta   90.00
_cell.angle_gamma   120.00
#
_symmetry.space_group_name_H-M   'P 65 2 2'
#
loop_
_entity.id
_entity.type
_entity.pdbx_description
1 polymer 'ARABINAN ENDO-1,5-ALPHA-L-ARABINOSIDASE A'
2 branched alpha-L-arabinofuranose-(1-5)-alpha-L-arabinofuranose-(1-5)-alpha-L-arabinofuranose-(1-5)-alpha-L-arabinofuranose-(1-5)-alpha-L-arabinofuranose-(1-5)-alpha-L-arabinofuranose
3 non-polymer 'CHLORIDE ION'
4 water water
#
_entity_poly.entity_id   1
_entity_poly.type   'polypeptide(L)'
_entity_poly.pdbx_seq_one_letter_code
;KQVDVHDPVMTREGATWYLFSTGPGITIYSSKDRVNWRYSDRAFATEPTWAKRVSPSFDGHLWAPDIYQHKGLFYLYYSV
SAFGKNTSAIGVTVNKTLNPASPDYRWEDKGIVIESVPQRDLWNAIAPAIIADDHGQVWMSFGSFWGGLKLFKLNDDLTR
PAEPQEWHSIAKLERSVLMDDSQAGSAQIEAPFILRKGDYYYLFASWGLCCRKGDSTYHLVVGRSKQVTGPYLDKTGRDM
NQGGGSLLIKGNKRWVGLGHNSAYTWDGKDYLVLHAYEAADNYLQKLKILNLHWDGEGWPQVDEKELDSYISQRL
;
_entity_poly.pdbx_strand_id   B
#
loop_
_chem_comp.id
_chem_comp.type
_chem_comp.name
_chem_comp.formula
AHR L-saccharide, alpha linking alpha-L-arabinofuranose 'C5 H10 O5'
CL non-polymer 'CHLORIDE ION' 'Cl -1'
#
# COMPACT_ATOMS: atom_id res chain seq x y z
N LYS A 1 7.17 -4.37 23.83
CA LYS A 1 6.21 -4.77 22.74
C LYS A 1 6.59 -4.28 21.32
N GLN A 2 6.25 -5.07 20.31
CA GLN A 2 6.47 -4.64 18.91
C GLN A 2 5.43 -3.62 18.44
N VAL A 3 5.84 -2.78 17.49
CA VAL A 3 4.87 -1.83 16.94
C VAL A 3 3.89 -2.61 16.07
N ASP A 4 2.60 -2.49 16.41
CA ASP A 4 1.54 -3.02 15.54
C ASP A 4 1.06 -2.00 14.46
N VAL A 5 1.24 -2.37 13.19
CA VAL A 5 0.75 -1.56 12.09
C VAL A 5 0.12 -2.47 11.08
N HIS A 6 -0.73 -1.93 10.19
CA HIS A 6 -1.31 -2.70 9.09
C HIS A 6 -1.13 -1.87 7.85
N ASP A 7 -0.79 -2.52 6.74
CA ASP A 7 -0.67 -1.81 5.47
C ASP A 7 0.33 -0.60 5.56
N PRO A 8 1.51 -0.82 6.15
CA PRO A 8 2.45 0.28 6.45
C PRO A 8 3.08 0.98 5.28
N VAL A 9 3.31 2.29 5.42
CA VAL A 9 4.25 2.99 4.54
C VAL A 9 5.20 3.87 5.36
N MET A 10 6.28 4.31 4.72
CA MET A 10 7.26 5.15 5.39
C MET A 10 7.81 6.23 4.50
N THR A 11 8.22 7.31 5.15
CA THR A 11 9.00 8.33 4.48
C THR A 11 9.97 9.02 5.46
N ARG A 12 10.88 9.81 4.93
CA ARG A 12 11.88 10.53 5.73
C ARG A 12 11.94 12.06 5.44
N GLU A 13 11.93 12.86 6.50
CA GLU A 13 12.10 14.30 6.39
C GLU A 13 13.28 14.67 7.27
N GLY A 14 14.30 15.28 6.68
CA GLY A 14 15.49 15.58 7.42
C GLY A 14 16.08 14.30 8.00
N ALA A 15 16.18 14.24 9.33
CA ALA A 15 16.87 13.17 10.09
C ALA A 15 15.91 12.11 10.72
N THR A 16 14.61 12.25 10.45
CA THR A 16 13.53 11.48 11.09
C THR A 16 12.76 10.62 10.13
N TRP A 17 12.48 9.39 10.56
CA TRP A 17 11.57 8.50 9.83
C TRP A 17 10.12 8.59 10.36
N TYR A 18 9.18 8.39 9.44
CA TYR A 18 7.78 8.47 9.75
C TYR A 18 7.11 7.26 9.15
N LEU A 19 6.20 6.70 9.92
CA LEU A 19 5.55 5.45 9.58
C LEU A 19 4.05 5.76 9.56
N PHE A 20 3.36 5.38 8.49
CA PHE A 20 1.93 5.55 8.41
C PHE A 20 1.27 4.17 8.32
N SER A 21 0.24 4.00 9.14
CA SER A 21 -0.47 2.73 9.20
C SER A 21 -1.96 2.93 9.03
N THR A 22 -2.60 1.91 8.49
CA THR A 22 -4.05 1.78 8.64
C THR A 22 -4.42 2.05 10.11
N GLY A 23 -5.42 2.89 10.35
CA GLY A 23 -5.91 3.10 11.71
C GLY A 23 -6.73 4.38 11.80
N PRO A 24 -7.25 4.71 12.99
CA PRO A 24 -8.16 5.89 13.14
C PRO A 24 -7.48 7.13 12.56
N GLY A 25 -8.11 7.78 11.57
CA GLY A 25 -7.53 8.93 10.88
C GLY A 25 -6.15 8.78 10.24
N ILE A 26 -5.69 7.53 10.12
CA ILE A 26 -4.29 7.18 9.82
C ILE A 26 -3.34 7.47 11.00
N THR A 27 -2.85 6.39 11.60
CA THR A 27 -1.82 6.42 12.66
C THR A 27 -0.44 6.79 12.08
N ILE A 28 0.23 7.73 12.71
CA ILE A 28 1.59 8.07 12.32
C ILE A 28 2.53 7.84 13.52
N TYR A 29 3.68 7.22 13.24
CA TYR A 29 4.72 7.07 14.24
C TYR A 29 5.99 7.72 13.73
N SER A 30 6.90 8.01 14.65
CA SER A 30 8.23 8.45 14.24
C SER A 30 9.38 7.74 14.96
N SER A 31 10.50 7.71 14.26
CA SER A 31 11.71 7.09 14.74
C SER A 31 12.87 7.86 14.16
N LYS A 32 14.02 7.71 14.83
CA LYS A 32 15.28 8.29 14.38
C LYS A 32 16.20 7.18 13.85
N ASP A 33 15.73 5.94 13.96
CA ASP A 33 16.52 4.76 13.66
C ASP A 33 15.72 3.58 13.10
N ARG A 34 14.46 3.80 12.72
CA ARG A 34 13.61 2.75 12.09
C ARG A 34 13.30 1.52 12.97
N VAL A 35 13.80 1.50 14.20
CA VAL A 35 13.59 0.39 15.15
C VAL A 35 12.68 0.88 16.29
N ASN A 36 13.05 2.00 16.90
CA ASN A 36 12.34 2.57 18.05
C ASN A 36 11.40 3.70 17.68
N TRP A 37 10.10 3.47 17.92
CA TRP A 37 9.03 4.33 17.40
C TRP A 37 8.14 4.94 18.50
N ARG A 38 7.99 6.26 18.48
CA ARG A 38 7.00 6.91 19.34
C ARG A 38 5.74 7.31 18.55
N TYR A 39 4.59 7.26 19.20
CA TYR A 39 3.38 7.76 18.56
C TYR A 39 3.62 9.23 18.17
N SER A 40 3.33 9.57 16.91
CA SER A 40 3.50 10.95 16.46
C SER A 40 2.17 11.70 16.34
N ASP A 41 1.19 11.13 15.63
CA ASP A 41 -0.12 11.78 15.40
C ASP A 41 -1.11 10.84 14.70
N ARG A 42 -2.37 11.27 14.59
CA ARG A 42 -3.32 10.73 13.59
C ARG A 42 -3.55 11.82 12.51
N ALA A 43 -3.44 11.45 11.24
CA ALA A 43 -3.63 12.46 10.18
C ALA A 43 -4.95 13.28 10.35
N PHE A 44 -6.07 12.57 10.54
CA PHE A 44 -7.35 13.23 10.83
C PHE A 44 -7.65 13.08 12.28
N ALA A 45 -7.89 14.20 12.95
CA ALA A 45 -8.41 14.23 14.31
C ALA A 45 -9.59 13.26 14.55
N THR A 46 -10.52 13.21 13.62
CA THR A 46 -11.60 12.25 13.73
C THR A 46 -11.64 11.54 12.42
N GLU A 47 -12.45 12.02 11.47
CA GLU A 47 -12.46 11.44 10.10
C GLU A 47 -12.67 12.46 8.95
N PRO A 48 -12.50 12.04 7.69
CA PRO A 48 -12.77 12.97 6.60
C PRO A 48 -14.26 13.33 6.64
N THR A 49 -14.55 14.57 6.29
CA THR A 49 -15.93 15.06 6.37
C THR A 49 -16.83 14.26 5.41
N TRP A 50 -16.24 13.61 4.39
CA TRP A 50 -17.03 13.03 3.32
C TRP A 50 -17.16 11.54 3.45
N ALA A 51 -16.44 10.99 4.43
CA ALA A 51 -16.34 9.54 4.66
C ALA A 51 -17.68 8.77 4.75
N LYS A 52 -18.60 9.23 5.60
CA LYS A 52 -19.84 8.52 5.84
C LYS A 52 -20.79 8.57 4.61
N ARG A 53 -20.56 9.52 3.71
CA ARG A 53 -21.32 9.58 2.49
C ARG A 53 -20.90 8.35 1.54
N VAL A 54 -19.61 8.13 1.38
CA VAL A 54 -19.12 7.00 0.63
C VAL A 54 -19.41 5.68 1.36
N SER A 55 -19.16 5.63 2.67
CA SER A 55 -19.38 4.37 3.38
C SER A 55 -20.08 4.57 4.75
N PRO A 56 -21.39 4.40 4.78
CA PRO A 56 -22.21 4.71 5.97
C PRO A 56 -21.91 3.91 7.25
N SER A 57 -21.37 2.69 7.11
CA SER A 57 -20.94 1.83 8.22
C SER A 57 -19.55 2.25 8.81
N PHE A 58 -18.80 3.08 8.08
CA PHE A 58 -17.50 3.64 8.48
C PHE A 58 -17.25 3.78 9.98
N ASP A 59 -16.16 3.16 10.45
CA ASP A 59 -15.85 3.16 11.88
C ASP A 59 -14.75 4.11 12.32
N GLY A 60 -14.23 4.93 11.41
CA GLY A 60 -13.19 5.87 11.79
C GLY A 60 -11.77 5.47 11.37
N HIS A 61 -11.59 4.21 10.96
CA HIS A 61 -10.30 3.67 10.48
C HIS A 61 -10.11 3.84 8.98
N LEU A 62 -9.10 4.64 8.61
CA LEU A 62 -8.73 4.76 7.20
C LEU A 62 -7.78 3.65 6.89
N TRP A 63 -7.77 3.22 5.62
CA TRP A 63 -6.98 2.08 5.24
C TRP A 63 -5.86 2.41 4.28
N ALA A 64 -4.77 1.68 4.46
CA ALA A 64 -3.83 1.51 3.41
C ALA A 64 -3.36 2.87 2.88
N PRO A 65 -2.66 3.65 3.71
CA PRO A 65 -2.20 4.97 3.29
C PRO A 65 -1.09 4.83 2.27
N ASP A 66 -0.84 5.92 1.57
CA ASP A 66 0.45 6.03 0.89
C ASP A 66 1.00 7.44 1.08
N ILE A 67 2.31 7.52 1.31
CA ILE A 67 2.94 8.79 1.57
C ILE A 67 3.83 9.15 0.37
N TYR A 68 3.65 10.36 -0.14
CA TYR A 68 4.38 10.81 -1.32
C TYR A 68 4.84 12.25 -1.19
N GLN A 69 6.08 12.52 -1.60
CA GLN A 69 6.71 13.87 -1.44
C GLN A 69 6.86 14.55 -2.80
N HIS A 70 6.45 15.81 -2.94
CA HIS A 70 6.37 16.36 -4.28
C HIS A 70 6.36 17.85 -4.19
N LYS A 71 7.37 18.48 -4.81
CA LYS A 71 7.52 19.94 -4.84
C LYS A 71 7.43 20.47 -3.43
N GLY A 72 8.22 19.86 -2.53
CA GLY A 72 8.32 20.28 -1.13
C GLY A 72 7.11 19.98 -0.23
N LEU A 73 6.07 19.30 -0.74
CA LEU A 73 4.86 19.03 0.09
C LEU A 73 4.68 17.56 0.49
N PHE A 74 3.88 17.30 1.52
CA PHE A 74 3.58 15.91 1.91
C PHE A 74 2.17 15.50 1.57
N TYR A 75 2.06 14.59 0.61
CA TYR A 75 0.78 14.10 0.11
C TYR A 75 0.49 12.75 0.74
N LEU A 76 -0.52 12.71 1.61
CA LEU A 76 -0.94 11.47 2.24
C LEU A 76 -2.27 10.96 1.70
N TYR A 77 -2.19 9.96 0.83
CA TYR A 77 -3.36 9.27 0.27
C TYR A 77 -3.89 8.24 1.27
N TYR A 78 -5.20 8.00 1.28
CA TYR A 78 -5.82 7.11 2.26
C TYR A 78 -7.18 6.54 1.73
N SER A 79 -7.68 5.48 2.35
CA SER A 79 -8.86 4.77 1.81
C SER A 79 -10.02 4.73 2.79
N VAL A 80 -11.17 5.21 2.36
CA VAL A 80 -12.45 5.04 3.04
C VAL A 80 -13.22 3.84 2.42
N SER A 81 -13.73 2.91 3.22
CA SER A 81 -14.30 1.68 2.66
C SER A 81 -15.15 0.92 3.67
N ALA A 82 -15.65 -0.26 3.28
CA ALA A 82 -16.31 -1.15 4.23
C ALA A 82 -15.90 -2.57 3.90
N PHE A 83 -15.87 -3.41 4.92
CA PHE A 83 -15.38 -4.75 4.76
C PHE A 83 -16.16 -5.50 3.73
N GLY A 84 -15.44 -6.07 2.76
CA GLY A 84 -16.04 -6.87 1.72
C GLY A 84 -16.94 -6.13 0.72
N LYS A 85 -16.89 -4.80 0.71
CA LYS A 85 -17.70 -4.00 -0.20
C LYS A 85 -16.79 -3.13 -1.03
N ASN A 86 -17.26 -2.73 -2.22
CA ASN A 86 -16.50 -1.75 -2.99
C ASN A 86 -17.18 -0.36 -3.01
N THR A 87 -17.96 -0.07 -1.96
CA THR A 87 -18.32 1.31 -1.68
C THR A 87 -17.09 1.90 -1.03
N SER A 88 -16.24 2.51 -1.86
CA SER A 88 -14.94 2.93 -1.40
C SER A 88 -14.48 4.18 -2.13
N ALA A 89 -13.59 4.94 -1.49
CA ALA A 89 -12.92 6.05 -2.18
C ALA A 89 -11.55 6.29 -1.60
N ILE A 90 -10.67 6.77 -2.45
CA ILE A 90 -9.35 7.13 -2.02
C ILE A 90 -9.30 8.63 -2.05
N GLY A 91 -8.89 9.20 -0.93
CA GLY A 91 -8.67 10.64 -0.81
C GLY A 91 -7.20 11.04 -0.58
N VAL A 92 -6.92 12.34 -0.58
CA VAL A 92 -5.61 12.73 -0.20
C VAL A 92 -5.57 13.96 0.66
N THR A 93 -4.63 13.98 1.57
CA THR A 93 -4.49 15.15 2.37
C THR A 93 -3.02 15.52 2.39
N VAL A 94 -2.77 16.83 2.54
CA VAL A 94 -1.50 17.42 2.22
C VAL A 94 -0.96 18.26 3.41
N ASN A 95 0.33 18.15 3.71
CA ASN A 95 0.91 18.88 4.82
C ASN A 95 2.23 19.47 4.37
N LYS A 96 2.65 20.55 5.02
CA LYS A 96 3.91 21.17 4.61
C LYS A 96 5.07 20.50 5.32
N THR A 97 4.78 19.79 6.40
CA THR A 97 5.81 19.02 7.13
C THR A 97 5.22 17.88 7.95
N LEU A 98 6.05 16.93 8.37
CA LEU A 98 5.56 15.84 9.25
C LEU A 98 5.79 16.06 10.76
N ASN A 99 6.63 17.03 11.13
CA ASN A 99 6.95 17.31 12.54
C ASN A 99 5.76 18.05 13.17
N PRO A 100 5.00 17.34 14.02
CA PRO A 100 3.79 17.90 14.65
C PRO A 100 4.10 19.06 15.57
N ALA A 101 5.36 19.22 15.95
CA ALA A 101 5.78 20.33 16.80
C ALA A 101 5.99 21.64 16.02
N SER A 102 6.03 21.56 14.68
CA SER A 102 6.27 22.73 13.82
C SER A 102 5.00 23.58 13.67
N PRO A 103 5.13 24.91 13.57
CA PRO A 103 3.94 25.74 13.39
C PRO A 103 3.40 25.61 11.97
N ASP A 104 4.15 24.91 11.13
CA ASP A 104 3.78 24.75 9.75
C ASP A 104 2.96 23.44 9.59
N TYR A 105 2.94 22.60 10.63
CA TYR A 105 2.27 21.29 10.57
C TYR A 105 0.75 21.34 10.64
N ARG A 106 0.09 20.96 9.56
CA ARG A 106 -1.34 20.69 9.60
C ARG A 106 -1.76 20.06 8.29
N TRP A 107 -2.59 19.05 8.43
CA TRP A 107 -3.08 18.26 7.31
C TRP A 107 -4.31 18.96 6.74
N GLU A 108 -4.31 19.26 5.44
CA GLU A 108 -5.50 19.84 4.77
C GLU A 108 -6.01 18.85 3.75
N ASP A 109 -7.26 18.44 3.93
CA ASP A 109 -7.90 17.45 3.06
C ASP A 109 -8.23 18.01 1.66
N LYS A 110 -7.95 17.22 0.64
CA LYS A 110 -8.20 17.61 -0.74
C LYS A 110 -9.40 16.82 -1.32
N GLY A 111 -9.99 15.91 -0.53
CA GLY A 111 -11.14 15.18 -0.99
C GLY A 111 -10.81 14.01 -1.88
N ILE A 112 -11.82 13.55 -2.60
CA ILE A 112 -11.76 12.26 -3.29
C ILE A 112 -10.95 12.30 -4.58
N VAL A 113 -9.92 11.48 -4.64
CA VAL A 113 -9.20 11.26 -5.90
C VAL A 113 -10.01 10.36 -6.80
N ILE A 114 -10.41 9.21 -6.29
CA ILE A 114 -11.24 8.26 -7.07
C ILE A 114 -12.16 7.47 -6.14
N GLU A 115 -13.35 7.09 -6.61
CA GLU A 115 -14.32 6.38 -5.81
C GLU A 115 -14.90 5.23 -6.68
N SER A 116 -15.10 4.05 -6.10
CA SER A 116 -15.71 2.96 -6.84
C SER A 116 -17.14 2.86 -6.37
N VAL A 117 -18.01 2.39 -7.28
CA VAL A 117 -19.46 2.24 -7.04
C VAL A 117 -19.94 0.81 -7.41
N PRO A 118 -20.61 0.14 -6.48
CA PRO A 118 -21.09 -1.24 -6.72
C PRO A 118 -21.89 -1.28 -8.00
N GLN A 119 -21.69 -2.32 -8.85
CA GLN A 119 -22.45 -2.48 -10.11
C GLN A 119 -21.95 -1.60 -11.25
N ARG A 120 -21.33 -0.48 -10.91
CA ARG A 120 -20.76 0.31 -11.99
C ARG A 120 -19.30 -0.13 -12.24
N ASP A 121 -18.52 -0.29 -11.18
CA ASP A 121 -17.11 -0.59 -11.32
C ASP A 121 -16.70 -1.99 -10.95
N LEU A 122 -15.82 -2.60 -11.74
CA LEU A 122 -15.26 -3.86 -11.32
C LEU A 122 -13.86 -3.71 -10.68
N TRP A 123 -13.78 -2.86 -9.67
CA TRP A 123 -12.55 -2.58 -8.97
C TRP A 123 -12.96 -1.89 -7.70
N ASN A 124 -12.06 -1.78 -6.73
CA ASN A 124 -12.38 -1.32 -5.41
C ASN A 124 -11.39 -0.23 -5.10
N ALA A 125 -11.84 1.02 -4.98
CA ALA A 125 -10.89 2.13 -4.77
C ALA A 125 -10.32 2.13 -3.35
N ILE A 126 -9.48 1.14 -3.05
CA ILE A 126 -8.62 1.19 -1.88
C ILE A 126 -7.15 0.95 -2.25
N ALA A 127 -6.27 1.31 -1.32
CA ALA A 127 -4.88 0.89 -1.30
C ALA A 127 -4.06 1.54 -2.32
N PRO A 128 -4.04 2.87 -2.33
CA PRO A 128 -3.29 3.62 -3.35
C PRO A 128 -1.80 3.42 -3.21
N ALA A 129 -1.07 3.55 -4.31
CA ALA A 129 0.39 3.75 -4.29
C ALA A 129 0.77 4.73 -5.40
N ILE A 130 1.67 5.67 -5.09
CA ILE A 130 2.11 6.66 -6.05
C ILE A 130 3.46 6.34 -6.64
N ILE A 131 3.57 6.46 -7.97
CA ILE A 131 4.83 6.29 -8.72
C ILE A 131 4.93 7.30 -9.89
N ALA A 132 6.16 7.80 -10.10
CA ALA A 132 6.50 8.74 -11.17
C ALA A 132 7.25 8.02 -12.29
N ASP A 133 6.99 8.36 -13.53
CA ASP A 133 7.82 7.84 -14.60
C ASP A 133 8.99 8.76 -15.03
N ASP A 134 9.74 8.31 -16.03
CA ASP A 134 10.89 9.04 -16.51
C ASP A 134 10.46 10.33 -17.27
N HIS A 135 9.16 10.49 -17.54
CA HIS A 135 8.62 11.58 -18.39
C HIS A 135 7.91 12.68 -17.61
N GLY A 136 8.20 12.88 -16.33
CA GLY A 136 7.47 13.84 -15.48
C GLY A 136 6.05 13.51 -14.99
N GLN A 137 5.43 12.47 -15.53
CA GLN A 137 4.10 12.08 -15.10
C GLN A 137 4.10 11.26 -13.80
N VAL A 138 3.01 11.44 -13.05
CA VAL A 138 2.76 10.69 -11.84
C VAL A 138 1.45 9.85 -11.94
N TRP A 139 1.52 8.63 -11.42
CA TRP A 139 0.45 7.70 -11.56
C TRP A 139 0.07 7.21 -10.17
N MET A 140 -1.19 6.80 -9.99
CA MET A 140 -1.64 6.06 -8.82
C MET A 140 -1.93 4.62 -9.24
N SER A 141 -1.37 3.65 -8.52
CA SER A 141 -1.87 2.28 -8.66
C SER A 141 -2.73 2.05 -7.40
N PHE A 142 -3.74 1.19 -7.52
CA PHE A 142 -4.64 0.87 -6.40
C PHE A 142 -5.37 -0.47 -6.66
N GLY A 143 -6.11 -0.97 -5.65
CA GLY A 143 -7.10 -2.02 -5.86
C GLY A 143 -7.05 -3.19 -4.90
N SER A 144 -8.10 -3.98 -4.96
CA SER A 144 -8.29 -5.13 -4.06
C SER A 144 -9.45 -5.97 -4.59
N PHE A 145 -9.23 -7.26 -4.90
CA PHE A 145 -10.28 -8.14 -5.39
C PHE A 145 -11.03 -7.56 -6.60
N TRP A 146 -12.29 -7.96 -6.80
CA TRP A 146 -13.00 -7.54 -7.99
C TRP A 146 -12.09 -7.79 -9.19
N GLY A 147 -11.94 -6.81 -10.10
CA GLY A 147 -11.20 -7.05 -11.31
C GLY A 147 -9.75 -6.69 -11.17
N GLY A 148 -9.28 -6.53 -9.95
CA GLY A 148 -7.85 -6.51 -9.69
C GLY A 148 -7.20 -5.15 -9.61
N LEU A 149 -5.97 -5.02 -10.08
CA LEU A 149 -5.22 -3.83 -9.76
C LEU A 149 -5.09 -2.93 -10.96
N LYS A 150 -5.21 -1.62 -10.72
CA LYS A 150 -5.25 -0.59 -11.77
C LYS A 150 -4.21 0.52 -11.58
N LEU A 151 -3.88 1.20 -12.69
CA LEU A 151 -2.96 2.33 -12.69
C LEU A 151 -3.55 3.48 -13.53
N PHE A 152 -3.56 4.72 -13.00
CA PHE A 152 -4.09 5.84 -13.79
C PHE A 152 -3.28 7.12 -13.58
N LYS A 153 -3.30 8.00 -14.59
CA LYS A 153 -2.49 9.18 -14.57
C LYS A 153 -3.14 10.23 -13.69
N LEU A 154 -2.35 10.82 -12.78
CA LEU A 154 -2.83 11.91 -11.93
C LEU A 154 -2.71 13.25 -12.62
N ASN A 155 -3.55 14.21 -12.25
CA ASN A 155 -3.48 15.54 -12.84
C ASN A 155 -2.31 16.36 -12.22
N ASP A 156 -2.16 17.61 -12.65
CA ASP A 156 -1.08 18.46 -12.16
C ASP A 156 -0.93 18.53 -10.61
N ASP A 157 -2.06 18.72 -9.95
CA ASP A 157 -2.27 18.79 -8.48
C ASP A 157 -1.91 17.54 -7.71
N LEU A 158 -2.01 16.38 -8.38
CA LEU A 158 -2.00 15.05 -7.74
C LEU A 158 -3.23 14.72 -6.90
N THR A 159 -4.37 15.34 -7.19
CA THR A 159 -5.54 15.23 -6.35
C THR A 159 -6.69 14.55 -7.05
N ARG A 160 -6.58 14.43 -8.38
CA ARG A 160 -7.63 13.80 -9.19
C ARG A 160 -6.99 13.18 -10.39
N PRO A 161 -7.73 12.35 -11.12
CA PRO A 161 -7.17 11.72 -12.33
C PRO A 161 -6.89 12.78 -13.37
N ALA A 162 -5.82 12.66 -14.15
CA ALA A 162 -5.64 13.53 -15.32
C ALA A 162 -6.81 13.37 -16.29
N GLU A 163 -7.11 14.47 -17.01
CA GLU A 163 -8.19 14.54 -17.98
C GLU A 163 -7.49 14.94 -19.33
N PRO A 164 -7.69 14.22 -20.43
CA PRO A 164 -8.52 13.01 -20.51
C PRO A 164 -7.90 11.90 -19.69
N GLN A 165 -8.70 10.93 -19.25
CA GLN A 165 -8.14 9.96 -18.35
C GLN A 165 -7.33 8.91 -19.08
N GLU A 166 -6.33 8.36 -18.38
CA GLU A 166 -5.49 7.31 -18.95
C GLU A 166 -5.31 6.20 -17.90
N TRP A 167 -5.88 5.04 -18.16
CA TRP A 167 -5.89 3.92 -17.23
C TRP A 167 -5.22 2.69 -17.85
N HIS A 168 -4.63 1.86 -17.00
CA HIS A 168 -4.13 0.55 -17.45
C HIS A 168 -4.37 -0.43 -16.32
N SER A 169 -4.87 -1.62 -16.66
CA SER A 169 -4.81 -2.75 -15.78
C SER A 169 -3.35 -3.17 -15.61
N ILE A 170 -2.95 -3.46 -14.38
CA ILE A 170 -1.61 -3.99 -14.13
C ILE A 170 -1.50 -5.42 -13.52
N ALA A 171 -2.48 -5.85 -12.69
CA ALA A 171 -2.49 -7.25 -12.25
C ALA A 171 -3.88 -7.74 -11.97
N LYS A 172 -4.13 -9.05 -12.23
CA LYS A 172 -5.49 -9.58 -12.06
C LYS A 172 -5.50 -11.06 -11.76
N LEU A 173 -6.61 -11.52 -11.15
CA LEU A 173 -6.91 -12.97 -11.13
C LEU A 173 -8.28 -13.25 -11.68
N GLU A 174 -8.59 -14.52 -11.90
CA GLU A 174 -9.74 -14.93 -12.68
C GLU A 174 -10.96 -14.40 -12.01
N ARG A 175 -11.92 -13.98 -12.82
CA ARG A 175 -13.30 -13.64 -12.41
C ARG A 175 -14.14 -13.56 -13.68
N SER A 176 -15.34 -14.11 -13.60
CA SER A 176 -16.26 -14.09 -14.72
C SER A 176 -17.10 -12.90 -14.46
N VAL A 177 -17.48 -12.17 -15.51
CA VAL A 177 -18.43 -11.05 -15.26
C VAL A 177 -19.81 -11.52 -14.82
N LEU A 178 -20.10 -12.79 -14.99
CA LEU A 178 -21.42 -13.31 -14.65
C LEU A 178 -21.67 -13.34 -13.15
N MET A 179 -20.60 -13.24 -12.36
CA MET A 179 -20.71 -13.10 -10.90
C MET A 179 -21.49 -11.82 -10.53
N ASP A 180 -22.20 -11.79 -9.44
CA ASP A 180 -22.77 -10.54 -8.94
C ASP A 180 -21.63 -9.46 -8.78
N ASP A 181 -21.78 -8.29 -9.43
CA ASP A 181 -20.76 -7.24 -9.39
C ASP A 181 -20.47 -6.69 -8.00
N SER A 182 -21.39 -6.88 -7.06
CA SER A 182 -21.20 -6.35 -5.72
C SER A 182 -20.31 -7.26 -4.83
N GLN A 183 -19.99 -8.47 -5.30
CA GLN A 183 -19.17 -9.41 -4.56
C GLN A 183 -17.70 -9.27 -4.88
N ALA A 184 -16.90 -9.27 -3.82
CA ALA A 184 -15.44 -9.22 -3.99
C ALA A 184 -14.90 -10.36 -4.88
N GLY A 185 -15.56 -11.51 -4.85
CA GLY A 185 -15.16 -12.62 -5.69
C GLY A 185 -13.97 -13.42 -5.16
N SER A 186 -13.31 -14.19 -6.03
CA SER A 186 -12.30 -15.08 -5.54
C SER A 186 -10.91 -14.67 -6.01
N ALA A 187 -10.81 -13.50 -6.65
CA ALA A 187 -9.51 -12.95 -7.05
C ALA A 187 -8.78 -12.41 -5.84
N GLN A 188 -8.08 -13.27 -5.12
CA GLN A 188 -7.42 -12.78 -3.89
C GLN A 188 -6.09 -12.04 -4.13
N ILE A 189 -6.21 -10.79 -4.57
CA ILE A 189 -5.06 -9.92 -4.88
C ILE A 189 -5.35 -8.50 -4.42
N GLU A 190 -4.35 -7.88 -3.82
CA GLU A 190 -4.43 -6.49 -3.44
C GLU A 190 -3.12 -5.79 -3.31
N ALA A 191 -3.21 -4.48 -3.13
CA ALA A 191 -2.18 -3.75 -2.40
C ALA A 191 -0.94 -3.60 -3.23
N PRO A 192 -1.09 -2.99 -4.40
CA PRO A 192 0.02 -2.81 -5.32
C PRO A 192 1.00 -1.86 -4.71
N PHE A 193 2.25 -1.99 -5.12
CA PHE A 193 3.25 -1.04 -4.82
C PHE A 193 4.33 -1.15 -5.91
N ILE A 194 4.70 0.01 -6.44
CA ILE A 194 5.68 0.03 -7.51
C ILE A 194 6.92 0.76 -7.11
N LEU A 195 8.03 0.05 -7.28
CA LEU A 195 9.36 0.54 -7.01
C LEU A 195 10.14 0.55 -8.34
N ARG A 196 10.82 1.66 -8.61
CA ARG A 196 11.76 1.80 -9.72
C ARG A 196 13.13 1.32 -9.31
N LYS A 197 13.73 0.41 -10.06
CA LYS A 197 15.08 -0.02 -9.78
C LYS A 197 15.79 -0.34 -11.09
N GLY A 198 16.89 0.34 -11.33
CA GLY A 198 17.62 0.24 -12.59
C GLY A 198 16.71 0.58 -13.75
N ASP A 199 16.56 -0.30 -14.73
CA ASP A 199 15.75 -0.03 -15.92
C ASP A 199 14.33 -0.50 -15.77
N TYR A 200 13.99 -1.05 -14.61
CA TYR A 200 12.71 -1.70 -14.41
C TYR A 200 11.89 -1.07 -13.30
N TYR A 201 10.58 -1.12 -13.50
CA TYR A 201 9.55 -0.93 -12.50
C TYR A 201 9.15 -2.29 -11.93
N TYR A 202 9.13 -2.43 -10.62
CA TYR A 202 8.77 -3.68 -10.00
C TYR A 202 7.44 -3.47 -9.31
N LEU A 203 6.48 -4.32 -9.64
CA LEU A 203 5.15 -4.28 -9.02
C LEU A 203 5.10 -5.35 -7.94
N PHE A 204 4.95 -4.94 -6.68
CA PHE A 204 4.67 -5.89 -5.59
C PHE A 204 3.17 -5.98 -5.37
N ALA A 205 2.69 -7.17 -5.04
CA ALA A 205 1.31 -7.26 -4.66
C ALA A 205 1.15 -8.35 -3.64
N SER A 206 0.03 -8.30 -2.92
CA SER A 206 -0.35 -9.31 -1.95
C SER A 206 -1.40 -10.31 -2.49
N TRP A 207 -1.16 -11.61 -2.32
CA TRP A 207 -2.10 -12.65 -2.73
C TRP A 207 -2.67 -13.40 -1.49
N GLY A 208 -3.88 -13.90 -1.59
CA GLY A 208 -4.41 -14.72 -0.52
C GLY A 208 -5.21 -13.89 0.50
N LEU A 209 -5.50 -14.48 1.66
CA LEU A 209 -6.39 -13.82 2.61
C LEU A 209 -5.65 -13.26 3.82
N CYS A 210 -5.73 -11.95 4.00
CA CYS A 210 -5.27 -11.30 5.22
C CYS A 210 -6.26 -11.53 6.39
N CYS A 211 -5.92 -11.10 7.60
CA CYS A 211 -6.90 -10.85 8.69
C CYS A 211 -7.75 -12.06 9.12
N ARG A 212 -7.21 -13.26 8.96
CA ARG A 212 -7.94 -14.49 9.20
C ARG A 212 -7.27 -15.35 10.27
N LYS A 213 -6.37 -14.77 11.06
CA LYS A 213 -5.65 -15.52 12.12
C LYS A 213 -4.89 -16.68 11.49
N GLY A 214 -5.22 -17.87 12.01
CA GLY A 214 -4.61 -19.14 11.63
C GLY A 214 -4.87 -19.65 10.22
N ASP A 215 -5.87 -19.07 9.55
CA ASP A 215 -6.27 -19.48 8.21
C ASP A 215 -5.66 -18.58 7.17
N SER A 216 -4.91 -17.56 7.63
CA SER A 216 -4.41 -16.56 6.69
C SER A 216 -3.45 -17.19 5.71
N THR A 217 -3.59 -16.81 4.44
CA THR A 217 -2.74 -17.26 3.36
C THR A 217 -1.97 -16.13 2.70
N TYR A 218 -2.04 -14.92 3.28
CA TYR A 218 -1.42 -13.69 2.73
C TYR A 218 0.08 -13.85 2.59
N HIS A 219 0.59 -13.51 1.39
CA HIS A 219 2.03 -13.49 1.08
C HIS A 219 2.30 -12.49 -0.06
N LEU A 220 3.57 -12.29 -0.44
CA LEU A 220 3.88 -11.25 -1.42
C LEU A 220 4.38 -11.84 -2.72
N VAL A 221 3.98 -11.25 -3.85
CA VAL A 221 4.51 -11.63 -5.13
C VAL A 221 5.01 -10.36 -5.83
N VAL A 222 5.74 -10.57 -6.94
CA VAL A 222 6.39 -9.48 -7.66
C VAL A 222 6.48 -9.81 -9.15
N GLY A 223 6.45 -8.76 -9.96
CA GLY A 223 6.64 -8.81 -11.39
C GLY A 223 7.34 -7.49 -11.76
N ARG A 224 7.87 -7.42 -12.99
CA ARG A 224 8.60 -6.25 -13.44
C ARG A 224 8.28 -5.85 -14.89
N SER A 225 8.48 -4.57 -15.19
CA SER A 225 8.12 -4.01 -16.49
C SER A 225 9.10 -2.92 -16.79
N LYS A 226 9.42 -2.74 -18.07
CA LYS A 226 10.29 -1.66 -18.52
C LYS A 226 9.48 -0.36 -18.50
N GLN A 227 8.15 -0.40 -18.75
CA GLN A 227 7.32 0.82 -18.66
C GLN A 227 6.38 0.82 -17.45
N VAL A 228 6.16 1.96 -16.79
CA VAL A 228 5.29 1.98 -15.62
C VAL A 228 3.89 1.41 -15.90
N THR A 229 3.38 1.64 -17.10
CA THR A 229 2.07 1.11 -17.46
C THR A 229 2.06 -0.41 -17.85
N GLY A 230 3.15 -1.14 -17.68
CA GLY A 230 3.12 -2.59 -17.88
C GLY A 230 3.55 -3.01 -19.29
N PRO A 231 3.53 -4.32 -19.59
CA PRO A 231 2.94 -5.34 -18.71
C PRO A 231 3.94 -5.87 -17.71
N TYR A 232 3.53 -6.12 -16.47
CA TYR A 232 4.43 -6.64 -15.44
C TYR A 232 4.47 -8.18 -15.55
N LEU A 233 5.67 -8.68 -15.81
CA LEU A 233 5.95 -10.10 -16.01
C LEU A 233 6.63 -10.63 -14.74
N ASP A 234 6.26 -11.86 -14.31
CA ASP A 234 7.01 -12.54 -13.26
C ASP A 234 8.26 -13.25 -13.81
N LYS A 235 8.93 -14.04 -12.96
CA LYS A 235 10.21 -14.67 -13.36
C LYS A 235 10.05 -15.67 -14.47
N THR A 236 8.85 -16.22 -14.63
CA THR A 236 8.66 -17.22 -15.70
C THR A 236 8.13 -16.49 -16.95
N GLY A 237 8.08 -15.16 -16.91
CA GLY A 237 7.63 -14.39 -18.05
C GLY A 237 6.12 -14.29 -18.19
N ARG A 238 5.37 -14.52 -17.10
CA ARG A 238 3.95 -14.43 -17.18
C ARG A 238 3.38 -13.12 -16.64
N ASP A 239 2.56 -12.48 -17.46
CA ASP A 239 1.90 -11.23 -17.13
C ASP A 239 1.04 -11.30 -15.87
N MET A 240 1.24 -10.34 -14.98
CA MET A 240 0.45 -10.32 -13.74
C MET A 240 -1.01 -10.08 -14.10
N ASN A 241 -1.28 -9.56 -15.30
CA ASN A 241 -2.66 -9.38 -15.68
C ASN A 241 -3.35 -10.69 -15.96
N GLN A 242 -2.61 -11.76 -16.08
CA GLN A 242 -3.25 -13.06 -16.23
C GLN A 242 -2.82 -13.96 -15.13
N GLY A 243 -2.55 -13.38 -13.95
CA GLY A 243 -2.30 -14.17 -12.76
C GLY A 243 -0.85 -14.47 -12.51
N GLY A 244 0.06 -13.83 -13.24
CA GLY A 244 1.47 -14.03 -12.92
C GLY A 244 1.83 -13.40 -11.60
N GLY A 245 2.96 -13.81 -11.02
CA GLY A 245 3.45 -13.19 -9.77
C GLY A 245 4.42 -14.17 -9.17
N SER A 246 5.64 -13.73 -8.92
CA SER A 246 6.70 -14.61 -8.44
C SER A 246 6.76 -14.45 -6.96
N LEU A 247 6.83 -15.57 -6.24
CA LEU A 247 6.80 -15.56 -4.78
C LEU A 247 7.99 -14.76 -4.21
N LEU A 248 7.73 -13.78 -3.36
CA LEU A 248 8.84 -13.03 -2.75
C LEU A 248 9.12 -13.44 -1.29
N ILE A 249 8.06 -13.49 -0.47
CA ILE A 249 8.18 -13.99 0.89
C ILE A 249 6.81 -14.47 1.32
N LYS A 250 6.80 -15.60 2.03
CA LYS A 250 5.59 -16.16 2.59
C LYS A 250 5.81 -16.50 4.07
N GLY A 251 4.72 -16.79 4.79
CA GLY A 251 4.76 -17.04 6.22
C GLY A 251 5.33 -18.39 6.57
N ASN A 252 5.20 -18.77 7.83
CA ASN A 252 5.62 -20.08 8.33
C ASN A 252 4.76 -20.35 9.58
N LYS A 253 5.34 -20.95 10.62
CA LYS A 253 4.65 -21.32 11.83
C LYS A 253 4.57 -20.20 12.88
N ARG A 254 5.58 -19.32 12.89
CA ARG A 254 5.62 -18.11 13.70
C ARG A 254 4.82 -16.97 13.08
N TRP A 255 4.86 -16.85 11.75
CA TRP A 255 4.24 -15.75 11.04
C TRP A 255 3.16 -16.24 10.06
N VAL A 256 1.91 -16.29 10.52
CA VAL A 256 0.82 -16.84 9.69
C VAL A 256 0.11 -15.73 8.91
N GLY A 257 0.62 -15.54 7.67
CA GLY A 257 0.19 -14.46 6.80
C GLY A 257 1.05 -13.22 6.95
N LEU A 258 1.42 -12.63 5.81
CA LEU A 258 2.15 -11.35 5.84
C LEU A 258 1.92 -10.64 4.52
N GLY A 259 2.04 -9.32 4.54
CA GLY A 259 1.97 -8.61 3.28
C GLY A 259 1.64 -7.14 3.38
N HIS A 260 0.87 -6.68 2.40
CA HIS A 260 0.61 -5.27 2.12
C HIS A 260 1.87 -4.49 2.33
N ASN A 261 2.84 -4.73 1.47
CA ASN A 261 4.15 -4.16 1.66
C ASN A 261 4.30 -2.80 1.02
N SER A 262 5.35 -2.11 1.39
CA SER A 262 5.82 -0.98 0.62
C SER A 262 7.32 -1.28 0.47
N ALA A 263 8.07 -0.42 -0.20
CA ALA A 263 9.52 -0.66 -0.48
C ALA A 263 10.22 0.65 -0.77
N TYR A 264 11.46 0.83 -0.32
CA TYR A 264 12.14 2.12 -0.54
C TYR A 264 13.65 2.07 -0.75
N THR A 265 14.14 3.03 -1.55
CA THR A 265 15.56 3.31 -1.66
C THR A 265 15.97 4.48 -0.74
N TRP A 266 16.57 4.15 0.41
CA TRP A 266 17.18 5.14 1.30
C TRP A 266 18.72 5.02 1.43
N ASP A 267 19.45 6.02 0.95
CA ASP A 267 20.90 6.05 1.11
C ASP A 267 21.67 4.91 0.37
N GLY A 268 21.18 4.54 -0.80
CA GLY A 268 21.82 3.45 -1.52
C GLY A 268 21.64 2.04 -0.95
N LYS A 269 20.72 1.89 -0.01
CA LYS A 269 20.22 0.55 0.35
C LYS A 269 18.71 0.47 0.15
N ASP A 270 18.19 -0.74 -0.04
CA ASP A 270 16.77 -0.96 -0.27
C ASP A 270 16.09 -1.74 0.84
N TYR A 271 14.84 -1.39 1.14
CA TYR A 271 14.14 -2.05 2.22
C TYR A 271 12.72 -2.52 1.82
N LEU A 272 12.33 -3.69 2.32
CA LEU A 272 10.95 -4.17 2.23
C LEU A 272 10.21 -3.93 3.56
N VAL A 273 9.05 -3.30 3.49
CA VAL A 273 8.30 -2.92 4.69
C VAL A 273 6.91 -3.53 4.63
N LEU A 274 6.54 -4.27 5.65
CA LEU A 274 5.28 -5.00 5.57
C LEU A 274 4.71 -5.23 6.97
N HIS A 275 3.53 -5.86 7.05
CA HIS A 275 3.08 -6.41 8.31
C HIS A 275 3.04 -7.94 8.26
N ALA A 276 3.22 -8.56 9.43
CA ALA A 276 3.15 -10.01 9.55
C ALA A 276 2.38 -10.36 10.84
N TYR A 277 1.56 -11.41 10.79
CA TYR A 277 0.75 -11.86 11.93
C TYR A 277 1.51 -12.86 12.80
N GLU A 278 1.76 -12.45 14.04
CA GLU A 278 2.49 -13.27 15.03
C GLU A 278 1.61 -14.32 15.71
N ALA A 279 1.82 -15.58 15.35
CA ALA A 279 1.14 -16.76 15.93
C ALA A 279 1.23 -16.85 17.42
N ALA A 280 2.37 -16.38 17.96
CA ALA A 280 2.56 -16.33 19.41
C ALA A 280 1.77 -15.22 20.14
N ASP A 281 1.48 -14.10 19.46
CA ASP A 281 0.83 -12.95 20.09
C ASP A 281 -0.58 -12.76 19.54
N ASN A 282 -1.37 -13.85 19.53
CA ASN A 282 -2.75 -13.78 19.02
C ASN A 282 -2.95 -13.42 17.52
N TYR A 283 -1.94 -13.68 16.71
CA TYR A 283 -1.97 -13.30 15.30
C TYR A 283 -2.14 -11.79 15.14
N LEU A 284 -1.64 -11.00 16.12
CA LEU A 284 -1.65 -9.55 15.99
C LEU A 284 -0.51 -9.12 15.11
N GLN A 285 -0.85 -8.43 14.04
CA GLN A 285 0.09 -7.97 13.02
C GLN A 285 1.23 -7.13 13.58
N LYS A 286 2.46 -7.35 13.13
CA LYS A 286 3.61 -6.55 13.56
C LYS A 286 4.31 -5.92 12.38
N LEU A 287 4.87 -4.75 12.60
CA LEU A 287 5.74 -4.12 11.61
C LEU A 287 6.98 -5.01 11.32
N LYS A 288 7.39 -5.12 10.06
CA LYS A 288 8.69 -5.70 9.80
C LYS A 288 9.34 -4.95 8.66
N ILE A 289 10.63 -4.64 8.83
CA ILE A 289 11.43 -3.95 7.83
C ILE A 289 12.57 -4.88 7.47
N LEU A 290 12.64 -5.29 6.20
CA LEU A 290 13.61 -6.28 5.78
C LEU A 290 14.55 -5.69 4.76
N ASN A 291 15.79 -6.12 4.79
CA ASN A 291 16.72 -5.78 3.72
C ASN A 291 16.31 -6.37 2.38
N LEU A 292 16.24 -5.50 1.38
CA LEU A 292 15.77 -5.90 0.05
C LEU A 292 16.97 -5.94 -0.88
N HIS A 293 17.39 -7.17 -1.22
CA HIS A 293 18.51 -7.44 -2.12
C HIS A 293 18.06 -7.71 -3.56
N TRP A 294 19.05 -7.82 -4.44
CA TRP A 294 18.80 -8.02 -5.85
C TRP A 294 19.76 -9.03 -6.38
N ASP A 295 19.23 -10.06 -7.05
CA ASP A 295 20.07 -11.10 -7.59
C ASP A 295 20.73 -10.65 -8.93
N GLY A 296 21.58 -11.50 -9.53
CA GLY A 296 22.26 -11.21 -10.77
C GLY A 296 21.36 -11.17 -11.99
N GLU A 297 20.07 -11.45 -11.80
CA GLU A 297 19.09 -11.51 -12.87
C GLU A 297 18.10 -10.34 -12.88
N GLY A 298 18.25 -9.44 -11.92
CA GLY A 298 17.34 -8.32 -11.76
C GLY A 298 16.11 -8.64 -10.96
N TRP A 299 16.21 -9.57 -10.01
CA TRP A 299 15.02 -9.90 -9.19
C TRP A 299 15.26 -9.70 -7.67
N PRO A 300 14.33 -9.07 -6.97
CA PRO A 300 14.51 -8.81 -5.54
C PRO A 300 14.43 -10.12 -4.73
N GLN A 301 15.18 -10.21 -3.63
CA GLN A 301 15.17 -11.39 -2.74
C GLN A 301 15.19 -10.88 -1.31
N VAL A 302 14.55 -11.61 -0.40
CA VAL A 302 14.58 -11.24 1.01
C VAL A 302 14.90 -12.44 1.85
N ASP A 303 15.34 -12.18 3.07
CA ASP A 303 15.68 -13.22 3.99
C ASP A 303 14.56 -13.35 4.97
N GLU A 304 13.82 -14.45 4.88
CA GLU A 304 12.64 -14.66 5.71
C GLU A 304 12.94 -14.71 7.22
N LYS A 305 14.18 -15.07 7.59
CA LYS A 305 14.62 -15.02 9.00
C LYS A 305 14.46 -13.62 9.61
N GLU A 306 14.53 -12.58 8.77
CA GLU A 306 14.35 -11.20 9.26
C GLU A 306 12.96 -10.90 9.88
N LEU A 307 12.00 -11.78 9.63
CA LEU A 307 10.74 -11.69 10.34
C LEU A 307 10.97 -11.85 11.84
N ASP A 308 12.00 -12.61 12.23
CA ASP A 308 12.36 -12.78 13.65
C ASP A 308 13.35 -11.73 14.12
N SER A 309 14.45 -11.56 13.39
CA SER A 309 15.53 -10.65 13.81
C SER A 309 15.10 -9.17 13.86
N TYR A 310 14.16 -8.77 13.01
CA TYR A 310 13.67 -7.42 13.12
C TYR A 310 12.61 -7.29 14.26
N ILE A 311 13.02 -6.63 15.34
CA ILE A 311 12.17 -6.44 16.50
C ILE A 311 12.08 -4.93 16.80
N SER A 312 10.94 -4.34 16.45
CA SER A 312 10.67 -2.90 16.57
C SER A 312 10.16 -2.57 17.97
N GLN A 313 10.43 -1.36 18.45
CA GLN A 313 10.04 -1.00 19.81
C GLN A 313 8.98 0.09 19.83
N ARG A 314 7.88 -0.18 20.52
CA ARG A 314 6.89 0.83 20.79
C ARG A 314 7.21 1.51 22.16
N LEU A 315 7.64 2.78 22.07
CA LEU A 315 8.00 3.60 23.24
C LEU A 315 6.88 4.56 23.61
O5 AHR B . -16.64 -11.22 2.75
C5 AHR B . -17.13 -9.90 3.04
C4 AHR B . -18.57 -9.95 3.51
O4 AHR B . -19.33 -9.09 2.66
C3 AHR B . -18.75 -9.35 4.91
O3 AHR B . -19.08 -10.31 5.91
C2 AHR B . -19.90 -8.40 4.75
O2 AHR B . -19.85 -7.40 5.76
C1 AHR B . -19.55 -7.88 3.38
O1 AHR B . -20.57 -7.10 2.77
O5 AHR B . -13.03 -8.45 0.62
C5 AHR B . -12.84 -9.85 0.82
C4 AHR B . -14.19 -10.51 0.96
O4 AHR B . -14.66 -10.14 2.23
C3 AHR B . -14.13 -12.02 0.99
O3 AHR B . -14.89 -12.61 -0.06
C2 AHR B . -14.77 -12.48 2.28
O2 AHR B . -13.75 -13.05 3.11
C1 AHR B . -15.24 -11.23 2.94
O5 AHR B . -9.44 -6.62 3.65
C5 AHR B . -9.81 -6.02 2.46
C4 AHR B . -11.20 -6.53 2.24
O4 AHR B . -11.13 -7.80 1.61
C3 AHR B . -11.88 -5.56 1.33
O3 AHR B . -13.05 -5.13 2.01
C2 AHR B . -12.21 -6.36 0.09
O2 AHR B . -11.49 -5.77 -0.99
C1 AHR B . -11.81 -7.79 0.38
O5 AHR B . -8.99 -3.11 7.42
C5 AHR B . -7.95 -3.75 6.69
C4 AHR B . -8.32 -3.77 5.24
O4 AHR B . -9.06 -4.97 5.14
C3 AHR B . -7.13 -3.94 4.33
O3 AHR B . -6.81 -2.77 3.59
C2 AHR B . -7.59 -5.02 3.38
O2 AHR B . -6.47 -5.73 2.88
C1 AHR B . -8.40 -5.89 4.30
O5 AHR B . -7.17 -3.54 12.32
C5 AHR B . -7.11 -4.67 11.40
C4 AHR B . -8.09 -4.55 10.21
O4 AHR B . -7.56 -3.68 9.22
C3 AHR B . -9.50 -4.02 10.48
O3 AHR B . -10.44 -5.02 10.09
C2 AHR B . -9.74 -2.85 9.57
O2 AHR B . -9.84 -1.64 10.29
C1 AHR B . -8.51 -2.75 8.72
O5 AHR B . -2.38 -2.64 13.64
C5 AHR B . -3.05 -1.39 13.33
C4 AHR B . -4.56 -1.62 13.45
O4 AHR B . -5.02 -2.80 12.75
C3 AHR B . -5.36 -0.49 12.88
O3 AHR B . -5.65 0.32 14.00
C2 AHR B . -6.63 -1.21 12.50
O2 AHR B . -7.35 -0.50 11.52
C1 AHR B . -6.19 -2.55 11.99
CL CL C . -0.19 0.11 0.20
#